data_3R29
#
_entry.id   3R29
#
_cell.length_a   118.220
_cell.length_b   118.220
_cell.length_c   84.020
_cell.angle_alpha   90.00
_cell.angle_beta   90.00
_cell.angle_gamma   90.00
#
_symmetry.space_group_name_H-M   'P 41 21 2'
#
loop_
_entity.id
_entity.type
_entity.pdbx_description
1 polymer 'Retinoic acid receptor RXR-alpha'
2 polymer 'Nuclear receptor corepressor 2'
3 water water
#
loop_
_entity_poly.entity_id
_entity_poly.type
_entity_poly.pdbx_seq_one_letter_code
_entity_poly.pdbx_strand_id
1 'polypeptide(L)'
;TSSANEDMPVERILEAELAVEPKTETYVEANMGLNPSSPNDPVTNICQAADKQLFTLVEWAKRIPHFSELPLDDQVILLR
AGWNELLIASFSHRSIAVKDGILLATGLHVHRNSAHSAGVGAIFDRVLTELVSKMRDMQMDKTELGCLRAIVLFNPDSKG
LSNPAEVEALREKVYASLEAYCKHKYPEQPGRFAKLLLRLPALRSIGLKCLEHLFFFKLIGDTPIDTFLMEMLEAPHQMT
;
A,B
2 'polypeptide(L)' TNMGLEAIIRKALMGK C,D
#
# COMPACT_ATOMS: atom_id res chain seq x y z
N ASN A 5 9.04 9.28 -26.32
CA ASN A 5 9.10 8.00 -27.04
C ASN A 5 8.80 6.82 -26.13
N GLU A 6 8.35 5.72 -26.73
CA GLU A 6 7.89 4.53 -25.99
C GLU A 6 8.61 3.23 -26.43
N ASP A 7 8.91 2.41 -25.42
CA ASP A 7 9.40 1.04 -25.56
C ASP A 7 8.92 0.31 -24.29
N MET A 8 7.66 0.59 -23.97
CA MET A 8 6.86 -0.11 -23.00
C MET A 8 5.48 0.28 -23.53
N PRO A 9 5.18 -0.16 -24.75
CA PRO A 9 4.00 0.34 -25.44
C PRO A 9 2.72 0.00 -24.68
N VAL A 10 1.86 0.99 -24.48
CA VAL A 10 0.65 0.74 -23.73
C VAL A 10 -0.23 -0.26 -24.45
N GLU A 11 -0.14 -0.25 -25.77
CA GLU A 11 -0.90 -1.13 -26.64
C GLU A 11 -0.61 -2.58 -26.30
N ARG A 12 0.61 -2.85 -25.88
CA ARG A 12 1.00 -4.22 -25.56
C ARG A 12 0.35 -4.64 -24.24
N ILE A 13 0.42 -3.76 -23.25
CA ILE A 13 -0.19 -4.08 -21.98
C ILE A 13 -1.72 -4.27 -22.13
N LEU A 14 -2.32 -3.53 -23.05
CA LEU A 14 -3.72 -3.67 -23.39
C LEU A 14 -3.93 -5.05 -23.96
N GLU A 15 -3.06 -5.42 -24.92
CA GLU A 15 -3.18 -6.70 -25.59
C GLU A 15 -3.12 -7.81 -24.53
N ALA A 16 -2.16 -7.73 -23.62
CA ALA A 16 -2.05 -8.67 -22.50
C ALA A 16 -3.31 -8.76 -21.62
N GLU A 17 -3.80 -7.61 -21.15
CA GLU A 17 -5.06 -7.55 -20.42
C GLU A 17 -6.15 -8.29 -21.17
N LEU A 18 -6.36 -7.91 -22.41
CA LEU A 18 -7.38 -8.51 -23.18
C LEU A 18 -7.13 -9.97 -23.38
N ALA A 19 -5.91 -10.36 -23.54
CA ALA A 19 -5.65 -11.75 -23.85
C ALA A 19 -6.17 -12.64 -22.77
N VAL A 20 -6.10 -12.23 -21.52
CA VAL A 20 -6.55 -13.09 -20.43
C VAL A 20 -7.98 -12.95 -20.00
N GLU A 21 -8.75 -12.08 -20.60
CA GLU A 21 -10.14 -11.95 -20.19
C GLU A 21 -10.86 -13.29 -20.17
N PRO A 22 -11.57 -13.57 -19.06
CA PRO A 22 -12.37 -14.80 -18.94
C PRO A 22 -13.23 -15.05 -20.20
N LYS A 23 -13.30 -16.30 -20.66
CA LYS A 23 -13.84 -16.61 -22.00
C LYS A 23 -14.84 -17.77 -22.02
N ASP A 41 -18.27 -21.38 1.47
CA ASP A 41 -18.59 -21.80 0.10
C ASP A 41 -18.58 -20.62 -0.88
N PRO A 42 -19.33 -19.54 -0.57
CA PRO A 42 -18.94 -18.28 -1.18
C PRO A 42 -17.40 -18.11 -1.23
N VAL A 43 -16.74 -18.09 -0.06
CA VAL A 43 -15.25 -18.06 0.09
C VAL A 43 -14.57 -19.29 -0.50
N THR A 44 -15.05 -20.46 -0.08
CA THR A 44 -14.50 -21.76 -0.53
C THR A 44 -14.43 -21.85 -2.06
N ASN A 45 -15.30 -21.12 -2.77
CA ASN A 45 -15.28 -21.10 -4.24
C ASN A 45 -14.09 -20.37 -4.90
N ILE A 46 -13.45 -19.42 -4.19
CA ILE A 46 -12.22 -18.75 -4.70
C ILE A 46 -11.03 -19.73 -4.75
N CYS A 47 -10.98 -20.61 -3.75
CA CYS A 47 -9.79 -21.43 -3.44
C CYS A 47 -9.44 -22.57 -4.41
N GLN A 48 -10.47 -23.23 -4.95
CA GLN A 48 -10.29 -24.34 -5.89
C GLN A 48 -10.05 -23.83 -7.32
N ALA A 49 -10.25 -22.53 -7.51
CA ALA A 49 -10.02 -21.85 -8.81
C ALA A 49 -8.55 -21.69 -9.08
N ALA A 50 -7.74 -22.14 -8.13
CA ALA A 50 -6.31 -21.91 -8.12
C ALA A 50 -5.69 -22.18 -9.46
N ASP A 51 -6.07 -23.28 -10.08
CA ASP A 51 -5.35 -23.66 -11.28
C ASP A 51 -5.56 -22.70 -12.44
N LYS A 52 -6.77 -22.19 -12.58
CA LYS A 52 -7.06 -21.29 -13.68
C LYS A 52 -6.46 -19.94 -13.44
N GLN A 53 -6.34 -19.58 -12.17
CA GLN A 53 -5.71 -18.30 -11.80
C GLN A 53 -4.23 -18.31 -12.12
N LEU A 54 -3.59 -19.44 -11.83
CA LEU A 54 -2.21 -19.71 -12.20
C LEU A 54 -1.98 -19.38 -13.68
N PHE A 55 -2.84 -19.95 -14.53
CA PHE A 55 -2.70 -19.78 -15.97
C PHE A 55 -2.95 -18.34 -16.36
N THR A 56 -3.91 -17.70 -15.68
CA THR A 56 -4.31 -16.35 -16.01
C THR A 56 -3.27 -15.35 -15.59
N LEU A 57 -2.68 -15.52 -14.41
CA LEU A 57 -1.55 -14.70 -14.02
C LEU A 57 -0.35 -14.85 -14.93
N VAL A 58 0.07 -16.07 -15.21
CA VAL A 58 1.30 -16.28 -15.96
C VAL A 58 1.15 -15.94 -17.43
N GLU A 59 0.07 -16.38 -18.10
CA GLU A 59 -0.12 -16.00 -19.51
C GLU A 59 -0.15 -14.50 -19.66
N TRP A 60 -0.72 -13.80 -18.66
CA TRP A 60 -0.75 -12.34 -18.65
C TRP A 60 0.68 -11.79 -18.51
N ALA A 61 1.46 -12.34 -17.57
CA ALA A 61 2.72 -11.74 -17.24
C ALA A 61 3.67 -11.77 -18.45
N LYS A 62 3.76 -12.94 -19.10
CA LYS A 62 4.62 -13.15 -20.29
C LYS A 62 4.41 -12.09 -21.33
N ARG A 63 3.18 -11.59 -21.41
CA ARG A 63 2.80 -10.58 -22.41
C ARG A 63 3.17 -9.12 -22.05
N ILE A 64 3.71 -8.93 -20.84
CA ILE A 64 4.37 -7.65 -20.51
C ILE A 64 5.80 -7.65 -21.03
N PRO A 65 6.13 -6.59 -21.73
CA PRO A 65 7.42 -6.46 -22.36
C PRO A 65 8.57 -6.58 -21.41
N HIS A 66 9.49 -7.44 -21.74
CA HIS A 66 10.69 -7.59 -21.01
C HIS A 66 10.51 -8.41 -19.80
N PHE A 67 9.31 -8.88 -19.51
CA PHE A 67 9.17 -9.69 -18.34
C PHE A 67 9.89 -10.96 -18.59
N SER A 68 9.74 -11.47 -19.78
CA SER A 68 10.43 -12.72 -20.17
C SER A 68 11.95 -12.60 -20.21
N GLU A 69 12.47 -11.41 -20.47
CA GLU A 69 13.91 -11.18 -20.40
C GLU A 69 14.52 -11.36 -19.01
N LEU A 70 13.73 -11.17 -17.97
CA LEU A 70 14.24 -11.28 -16.61
C LEU A 70 14.68 -12.67 -16.32
N PRO A 71 15.67 -12.80 -15.48
CA PRO A 71 16.15 -14.10 -15.17
C PRO A 71 14.93 -14.82 -14.73
N LEU A 72 14.90 -16.08 -15.07
CA LEU A 72 13.77 -16.91 -14.83
C LEU A 72 13.52 -16.97 -13.38
N ASP A 73 14.58 -17.03 -12.59
CA ASP A 73 14.40 -17.10 -11.16
C ASP A 73 13.74 -15.86 -10.54
N ASP A 74 13.84 -14.70 -11.18
CA ASP A 74 13.17 -13.47 -10.77
C ASP A 74 11.67 -13.56 -11.10
N GLN A 75 11.39 -13.80 -12.38
CA GLN A 75 10.04 -14.07 -12.84
C GLN A 75 9.23 -14.84 -11.77
N VAL A 76 9.77 -15.91 -11.21
CA VAL A 76 9.02 -16.65 -10.21
C VAL A 76 8.62 -15.76 -9.03
N ILE A 77 9.60 -15.05 -8.48
CA ILE A 77 9.41 -14.14 -7.34
C ILE A 77 8.32 -13.09 -7.63
N LEU A 78 8.48 -12.35 -8.71
CA LEU A 78 7.54 -11.32 -8.93
C LEU A 78 6.13 -11.87 -8.88
N LEU A 79 5.84 -12.92 -9.63
CA LEU A 79 4.52 -13.53 -9.59
C LEU A 79 4.14 -14.00 -8.21
N ARG A 80 5.03 -14.74 -7.57
CA ARG A 80 4.79 -15.23 -6.22
C ARG A 80 4.37 -14.06 -5.34
N ALA A 81 5.07 -12.95 -5.54
CA ALA A 81 4.97 -11.75 -4.75
C ALA A 81 3.68 -11.03 -4.99
N GLY A 82 3.30 -10.90 -6.25
CA GLY A 82 2.17 -10.10 -6.67
C GLY A 82 0.88 -10.87 -6.70
N TRP A 83 0.97 -12.19 -6.52
CA TRP A 83 -0.17 -13.07 -6.77
C TRP A 83 -1.48 -12.44 -6.32
N ASN A 84 -1.56 -12.11 -5.04
CA ASN A 84 -2.74 -11.49 -4.45
C ASN A 84 -3.25 -10.24 -5.11
N GLU A 85 -2.46 -9.17 -5.01
CA GLU A 85 -2.84 -7.87 -5.50
C GLU A 85 -3.28 -7.94 -6.94
N LEU A 86 -2.55 -8.71 -7.74
CA LEU A 86 -2.84 -8.88 -9.13
C LEU A 86 -4.21 -9.47 -9.36
N LEU A 87 -4.53 -10.55 -8.64
CA LEU A 87 -5.86 -11.14 -8.76
C LEU A 87 -6.96 -10.16 -8.34
N ILE A 88 -6.71 -9.46 -7.24
CA ILE A 88 -7.66 -8.54 -6.64
C ILE A 88 -7.85 -7.41 -7.60
N ALA A 89 -6.80 -6.97 -8.27
CA ALA A 89 -6.92 -5.83 -9.15
C ALA A 89 -7.84 -6.21 -10.31
N SER A 90 -7.83 -7.48 -10.67
CA SER A 90 -8.56 -7.95 -11.84
C SER A 90 -10.05 -7.98 -11.54
N PHE A 91 -10.42 -8.71 -10.52
CA PHE A 91 -11.81 -8.83 -10.20
C PHE A 91 -12.40 -7.51 -9.81
N SER A 92 -11.64 -6.62 -9.22
CA SER A 92 -12.25 -5.36 -8.91
C SER A 92 -12.70 -4.66 -10.16
N HIS A 93 -11.88 -4.62 -11.17
CA HIS A 93 -12.26 -3.92 -12.37
C HIS A 93 -13.40 -4.63 -12.97
N ARG A 94 -13.30 -5.93 -12.98
CA ARG A 94 -14.32 -6.72 -13.67
C ARG A 94 -15.71 -6.33 -13.19
N SER A 95 -15.84 -6.14 -11.88
CA SER A 95 -17.09 -5.84 -11.23
C SER A 95 -17.54 -4.38 -11.34
N ILE A 96 -16.90 -3.57 -12.18
CA ILE A 96 -17.43 -2.20 -12.34
C ILE A 96 -18.75 -2.25 -13.14
N ALA A 97 -18.95 -3.38 -13.83
CA ALA A 97 -20.23 -3.77 -14.41
C ALA A 97 -21.31 -3.99 -13.31
N VAL A 98 -21.01 -4.88 -12.36
CA VAL A 98 -21.94 -5.30 -11.29
C VAL A 98 -22.44 -4.18 -10.34
N LYS A 99 -23.55 -4.42 -9.67
CA LYS A 99 -24.06 -3.45 -8.75
C LYS A 99 -23.88 -3.91 -7.34
N ASP A 100 -23.02 -3.23 -6.59
CA ASP A 100 -22.82 -3.58 -5.19
C ASP A 100 -22.51 -5.04 -5.06
N GLY A 101 -21.65 -5.53 -5.93
CA GLY A 101 -21.31 -6.93 -5.96
C GLY A 101 -19.91 -7.10 -6.43
N ILE A 102 -19.48 -8.33 -6.58
CA ILE A 102 -18.13 -8.61 -7.05
C ILE A 102 -18.24 -9.79 -8.01
N LEU A 103 -17.62 -9.66 -9.18
CA LEU A 103 -17.59 -10.75 -10.16
C LEU A 103 -16.22 -11.42 -10.15
N LEU A 104 -16.20 -12.75 -10.03
CA LEU A 104 -14.92 -13.48 -10.02
C LEU A 104 -14.57 -14.02 -11.39
N ALA A 105 -13.27 -14.23 -11.66
CA ALA A 105 -12.81 -14.75 -12.98
C ALA A 105 -13.62 -15.96 -13.43
N THR A 106 -14.10 -16.73 -12.43
CA THR A 106 -14.93 -17.91 -12.59
C THR A 106 -16.41 -17.64 -12.80
N GLY A 107 -16.79 -16.38 -12.86
CA GLY A 107 -18.16 -16.00 -13.22
C GLY A 107 -19.20 -15.89 -12.11
N LEU A 108 -18.84 -16.27 -10.88
CA LEU A 108 -19.82 -16.16 -9.80
C LEU A 108 -19.79 -14.77 -9.14
N HIS A 109 -20.95 -14.11 -9.08
CA HIS A 109 -21.14 -12.79 -8.45
C HIS A 109 -21.27 -12.98 -6.94
N VAL A 110 -21.03 -11.93 -6.16
CA VAL A 110 -21.03 -12.05 -4.71
C VAL A 110 -21.72 -10.82 -4.14
N HIS A 111 -22.44 -10.97 -3.05
CA HIS A 111 -23.19 -9.87 -2.53
C HIS A 111 -22.92 -9.64 -1.08
N ARG A 112 -23.16 -8.42 -0.64
CA ARG A 112 -22.76 -8.10 0.68
C ARG A 112 -23.44 -8.98 1.65
N ASN A 113 -24.72 -9.21 1.53
CA ASN A 113 -25.30 -10.03 2.55
C ASN A 113 -24.65 -11.36 2.46
N SER A 114 -24.46 -11.81 1.26
CA SER A 114 -23.82 -13.09 1.16
C SER A 114 -22.44 -13.12 1.74
N ALA A 115 -21.65 -12.09 1.50
CA ALA A 115 -20.28 -12.14 2.01
C ALA A 115 -20.17 -12.04 3.52
N HIS A 116 -20.82 -11.03 4.09
CA HIS A 116 -20.83 -10.88 5.52
C HIS A 116 -21.25 -12.18 6.23
N SER A 117 -22.11 -12.97 5.60
CA SER A 117 -22.44 -14.31 6.08
C SER A 117 -21.24 -15.18 5.79
N ALA A 118 -20.08 -14.55 5.70
CA ALA A 118 -18.85 -15.29 5.60
C ALA A 118 -17.69 -14.61 6.32
N GLY A 119 -17.92 -13.47 6.92
CA GLY A 119 -16.88 -12.78 7.66
C GLY A 119 -15.88 -12.03 6.78
N VAL A 120 -16.10 -12.09 5.50
CA VAL A 120 -15.24 -11.44 4.54
C VAL A 120 -15.93 -10.18 4.28
N GLY A 121 -16.87 -9.86 5.12
CA GLY A 121 -17.55 -8.65 4.85
C GLY A 121 -16.51 -7.58 4.86
N ALA A 122 -15.46 -7.74 5.63
CA ALA A 122 -14.54 -6.64 5.84
C ALA A 122 -13.73 -6.33 4.61
N ILE A 123 -13.47 -7.36 3.83
CA ILE A 123 -12.71 -7.20 2.59
C ILE A 123 -13.64 -6.56 1.58
N PHE A 124 -14.78 -7.22 1.43
CA PHE A 124 -15.85 -6.85 0.54
C PHE A 124 -16.13 -5.35 0.60
N ASP A 125 -16.29 -4.83 1.82
CA ASP A 125 -16.57 -3.41 1.97
C ASP A 125 -15.49 -2.66 1.27
N ARG A 126 -14.26 -2.94 1.67
CA ARG A 126 -13.15 -2.17 1.18
C ARG A 126 -12.98 -2.40 -0.31
N VAL A 127 -13.14 -3.64 -0.76
CA VAL A 127 -12.92 -3.87 -2.17
C VAL A 127 -13.75 -2.86 -2.96
N LEU A 128 -15.07 -2.98 -2.76
CA LEU A 128 -16.10 -2.04 -3.20
C LEU A 128 -15.89 -0.56 -2.91
N THR A 129 -15.56 -0.16 -1.69
CA THR A 129 -15.49 1.27 -1.47
C THR A 129 -14.13 1.87 -1.76
N GLU A 130 -13.12 1.05 -2.00
CA GLU A 130 -11.81 1.64 -2.19
C GLU A 130 -11.22 1.27 -3.51
N LEU A 131 -11.84 0.32 -4.19
CA LEU A 131 -11.34 -0.06 -5.47
C LEU A 131 -12.43 -0.12 -6.50
N VAL A 132 -13.40 -1.01 -6.29
CA VAL A 132 -14.42 -1.22 -7.27
C VAL A 132 -15.12 0.08 -7.60
N SER A 133 -15.51 0.80 -6.55
CA SER A 133 -16.25 2.03 -6.77
C SER A 133 -15.39 3.20 -7.27
N LYS A 134 -14.15 3.28 -6.85
CA LYS A 134 -13.32 4.37 -7.31
C LYS A 134 -12.88 4.16 -8.76
N MET A 135 -12.82 2.92 -9.20
CA MET A 135 -12.51 2.66 -10.60
C MET A 135 -13.74 3.05 -11.43
N ARG A 136 -14.91 2.57 -11.01
CA ARG A 136 -16.21 3.01 -11.55
C ARG A 136 -16.26 4.52 -11.68
N ASP A 137 -15.57 5.20 -10.78
CA ASP A 137 -15.71 6.64 -10.70
C ASP A 137 -14.88 7.34 -11.73
N MET A 138 -13.67 6.88 -11.95
CA MET A 138 -12.81 7.57 -12.89
C MET A 138 -12.94 6.99 -14.27
N GLN A 139 -13.92 6.10 -14.44
CA GLN A 139 -14.07 5.32 -15.66
C GLN A 139 -12.69 4.84 -16.06
N MET A 140 -12.07 4.06 -15.16
CA MET A 140 -10.74 3.49 -15.36
C MET A 140 -10.83 2.51 -16.53
N ASP A 141 -9.81 2.54 -17.40
CA ASP A 141 -9.83 1.64 -18.55
C ASP A 141 -8.70 0.60 -18.56
N LYS A 142 -8.77 -0.29 -19.55
CA LYS A 142 -7.99 -1.51 -19.54
C LYS A 142 -6.52 -1.21 -19.69
N THR A 143 -6.19 -0.16 -20.42
CA THR A 143 -4.81 0.20 -20.54
C THR A 143 -4.35 0.65 -19.17
N GLU A 144 -5.13 1.54 -18.56
CA GLU A 144 -4.76 2.06 -17.24
C GLU A 144 -4.62 0.96 -16.22
N LEU A 145 -5.67 0.17 -16.07
CA LEU A 145 -5.62 -0.98 -15.19
C LEU A 145 -4.42 -1.88 -15.48
N GLY A 146 -4.23 -2.24 -16.74
CA GLY A 146 -3.10 -3.05 -17.11
C GLY A 146 -1.80 -2.44 -16.62
N CYS A 147 -1.66 -1.13 -16.73
CA CYS A 147 -0.40 -0.51 -16.41
C CYS A 147 -0.11 -0.57 -14.92
N LEU A 148 -1.16 -0.29 -14.14
CA LEU A 148 -1.05 -0.34 -12.71
C LEU A 148 -0.72 -1.77 -12.34
N ARG A 149 -1.28 -2.70 -13.10
CA ARG A 149 -1.05 -4.13 -12.84
C ARG A 149 0.42 -4.49 -13.06
N ALA A 150 1.01 -3.95 -14.11
CA ALA A 150 2.40 -4.24 -14.36
C ALA A 150 3.27 -3.60 -13.29
N ILE A 151 2.96 -2.36 -12.92
CA ILE A 151 3.62 -1.69 -11.81
C ILE A 151 3.60 -2.54 -10.59
N VAL A 152 2.45 -3.13 -10.28
CA VAL A 152 2.39 -4.08 -9.16
C VAL A 152 3.33 -5.24 -9.44
N LEU A 153 3.30 -5.78 -10.64
CA LEU A 153 4.15 -6.93 -10.95
C LEU A 153 5.61 -6.57 -10.83
N PHE A 154 6.01 -5.49 -11.47
CA PHE A 154 7.41 -5.13 -11.42
C PHE A 154 7.69 -4.51 -10.06
N ASN A 155 7.70 -5.36 -9.05
CA ASN A 155 7.84 -4.91 -7.69
C ASN A 155 9.22 -5.29 -7.18
N PRO A 156 10.11 -4.29 -7.12
CA PRO A 156 11.50 -4.51 -6.83
C PRO A 156 11.77 -4.62 -5.39
N ASP A 157 10.74 -4.57 -4.55
CA ASP A 157 10.96 -4.75 -3.12
C ASP A 157 10.78 -6.21 -2.76
N SER A 158 10.59 -7.06 -3.74
CA SER A 158 10.31 -8.45 -3.46
C SER A 158 11.62 -9.04 -2.96
N LYS A 159 11.55 -10.04 -2.08
CA LYS A 159 12.76 -10.60 -1.51
C LYS A 159 13.44 -11.55 -2.48
N GLY A 160 14.78 -11.58 -2.46
CA GLY A 160 15.56 -12.56 -3.24
C GLY A 160 15.80 -12.23 -4.71
N LEU A 161 15.33 -11.09 -5.14
CA LEU A 161 15.58 -10.70 -6.50
C LEU A 161 17.06 -10.79 -6.69
N SER A 162 17.48 -11.39 -7.80
CA SER A 162 18.89 -11.47 -8.14
C SER A 162 19.41 -10.07 -8.41
N ASN A 163 18.51 -9.18 -8.85
CA ASN A 163 18.94 -7.86 -9.20
C ASN A 163 17.79 -6.87 -9.07
N PRO A 164 17.52 -6.41 -7.84
CA PRO A 164 16.47 -5.42 -7.62
C PRO A 164 16.44 -4.35 -8.68
N ALA A 165 17.60 -3.87 -9.10
CA ALA A 165 17.69 -2.68 -9.98
C ALA A 165 17.00 -2.78 -11.35
N GLU A 166 17.07 -3.95 -11.99
CA GLU A 166 16.47 -4.18 -13.32
C GLU A 166 14.96 -3.94 -13.26
N VAL A 167 14.34 -4.63 -12.30
CA VAL A 167 12.94 -4.46 -11.95
C VAL A 167 12.61 -2.99 -11.73
N GLU A 168 13.44 -2.30 -10.94
CA GLU A 168 13.30 -0.85 -10.72
C GLU A 168 13.13 -0.18 -12.07
N ALA A 169 14.06 -0.49 -13.00
CA ALA A 169 14.10 0.18 -14.28
C ALA A 169 12.80 -0.09 -15.01
N LEU A 170 12.41 -1.37 -15.05
CA LEU A 170 11.20 -1.80 -15.78
C LEU A 170 9.93 -1.17 -15.23
N ARG A 171 9.83 -1.21 -13.90
CA ARG A 171 8.82 -0.47 -13.20
C ARG A 171 8.80 0.96 -13.72
N GLU A 172 9.94 1.64 -13.68
CA GLU A 172 9.99 3.02 -14.10
C GLU A 172 9.49 3.24 -15.54
N LYS A 173 9.66 2.25 -16.42
CA LYS A 173 9.21 2.46 -17.81
C LYS A 173 7.72 2.36 -17.89
N VAL A 174 7.17 1.39 -17.19
CA VAL A 174 5.75 1.19 -17.22
C VAL A 174 5.07 2.48 -16.81
N TYR A 175 5.53 3.10 -15.73
CA TYR A 175 4.87 4.32 -15.27
C TYR A 175 5.22 5.50 -16.12
N ALA A 176 6.38 5.48 -16.76
CA ALA A 176 6.68 6.51 -17.73
C ALA A 176 5.67 6.50 -18.91
N SER A 177 5.43 5.33 -19.48
CA SER A 177 4.54 5.27 -20.64
C SER A 177 3.15 5.60 -20.18
N LEU A 178 2.76 5.06 -19.02
CA LEU A 178 1.39 5.28 -18.52
C LEU A 178 1.10 6.75 -18.25
N GLU A 179 2.10 7.50 -17.76
CA GLU A 179 1.99 8.95 -17.64
C GLU A 179 1.70 9.51 -19.02
N ALA A 180 2.66 9.37 -19.92
CA ALA A 180 2.49 9.78 -21.28
C ALA A 180 1.10 9.36 -21.82
N TYR A 181 0.66 8.15 -21.53
CA TYR A 181 -0.62 7.73 -22.08
C TYR A 181 -1.72 8.66 -21.61
N CYS A 182 -1.95 8.65 -20.30
CA CYS A 182 -2.88 9.53 -19.60
C CYS A 182 -2.96 10.93 -20.19
N LYS A 183 -1.84 11.66 -20.12
CA LYS A 183 -1.72 13.01 -20.69
C LYS A 183 -2.35 13.01 -22.08
N HIS A 184 -1.84 12.16 -22.96
CA HIS A 184 -2.39 12.10 -24.28
C HIS A 184 -3.90 11.99 -24.15
N LYS A 185 -4.43 10.84 -23.77
CA LYS A 185 -5.89 10.60 -23.88
C LYS A 185 -6.81 11.56 -23.10
N TYR A 186 -6.32 12.10 -21.99
CA TYR A 186 -7.13 13.09 -21.26
C TYR A 186 -6.30 14.30 -20.85
N PRO A 187 -6.10 15.26 -21.77
CA PRO A 187 -5.23 16.38 -21.43
C PRO A 187 -5.92 17.30 -20.43
N GLU A 188 -7.23 17.11 -20.31
CA GLU A 188 -8.00 17.91 -19.38
C GLU A 188 -7.73 17.40 -17.96
N GLN A 189 -7.98 16.12 -17.67
CA GLN A 189 -7.72 15.61 -16.32
C GLN A 189 -6.22 15.53 -16.04
N PRO A 190 -5.64 16.60 -15.48
CA PRO A 190 -4.20 16.57 -15.32
C PRO A 190 -3.74 15.80 -14.08
N GLY A 191 -4.62 15.03 -13.44
CA GLY A 191 -4.26 14.34 -12.18
C GLY A 191 -4.45 12.83 -12.23
N ARG A 192 -5.14 12.39 -13.27
CA ARG A 192 -5.46 10.99 -13.48
C ARG A 192 -4.27 10.07 -13.23
N PHE A 193 -3.06 10.52 -13.57
CA PHE A 193 -1.86 9.66 -13.37
C PHE A 193 -1.54 9.42 -11.89
N ALA A 194 -1.63 10.48 -11.11
CA ALA A 194 -1.43 10.38 -9.68
C ALA A 194 -2.65 9.72 -9.11
N LYS A 195 -3.80 10.01 -9.72
CA LYS A 195 -5.00 9.43 -9.18
C LYS A 195 -4.70 7.95 -9.22
N LEU A 196 -4.37 7.46 -10.39
CA LEU A 196 -4.15 6.05 -10.58
C LEU A 196 -3.10 5.53 -9.58
N LEU A 197 -1.89 6.04 -9.63
CA LEU A 197 -0.91 5.57 -8.68
C LEU A 197 -1.44 5.41 -7.25
N LEU A 198 -2.35 6.31 -6.86
CA LEU A 198 -2.84 6.29 -5.50
C LEU A 198 -3.89 5.24 -5.21
N ARG A 199 -4.38 4.55 -6.23
CA ARG A 199 -5.17 3.37 -5.94
C ARG A 199 -4.31 2.24 -5.36
N LEU A 200 -3.00 2.42 -5.41
CA LEU A 200 -2.12 1.34 -5.05
C LEU A 200 -1.99 1.00 -3.58
N PRO A 201 -1.84 1.98 -2.68
CA PRO A 201 -1.76 1.51 -1.29
C PRO A 201 -3.06 0.83 -0.87
N ALA A 202 -4.18 1.48 -1.16
CA ALA A 202 -5.47 0.79 -1.10
C ALA A 202 -5.37 -0.64 -1.57
N LEU A 203 -4.85 -0.91 -2.76
CA LEU A 203 -4.75 -2.30 -3.23
C LEU A 203 -3.78 -3.17 -2.43
N ARG A 204 -2.67 -2.62 -2.00
CA ARG A 204 -1.72 -3.43 -1.25
C ARG A 204 -2.31 -3.83 0.06
N SER A 205 -3.12 -2.99 0.68
CA SER A 205 -3.57 -3.33 2.02
C SER A 205 -4.73 -4.29 1.93
N ILE A 206 -5.58 -4.12 0.94
CA ILE A 206 -6.64 -5.08 0.75
C ILE A 206 -6.09 -6.50 0.60
N GLY A 207 -4.94 -6.64 -0.04
CA GLY A 207 -4.25 -7.92 -0.21
C GLY A 207 -3.88 -8.52 1.12
N LEU A 208 -3.28 -7.72 1.99
CA LEU A 208 -2.84 -8.29 3.27
C LEU A 208 -4.01 -8.70 4.15
N LYS A 209 -5.02 -7.83 4.19
CA LYS A 209 -6.31 -8.14 4.78
C LYS A 209 -6.92 -9.48 4.35
N CYS A 210 -6.73 -9.88 3.10
CA CYS A 210 -7.15 -11.22 2.76
C CYS A 210 -6.29 -12.29 3.44
N LEU A 211 -4.97 -12.12 3.41
CA LEU A 211 -4.11 -13.05 4.08
C LEU A 211 -4.46 -13.16 5.51
N GLU A 212 -4.73 -12.02 6.13
CA GLU A 212 -5.20 -12.08 7.50
C GLU A 212 -6.45 -12.95 7.59
N HIS A 213 -7.40 -12.82 6.68
CA HIS A 213 -8.53 -13.73 6.79
C HIS A 213 -8.09 -15.11 6.47
N LEU A 214 -7.50 -15.28 5.30
CA LEU A 214 -7.03 -16.58 4.94
C LEU A 214 -6.39 -17.27 6.15
N PHE A 215 -5.56 -16.55 6.89
CA PHE A 215 -4.85 -17.19 7.96
C PHE A 215 -5.76 -17.50 9.10
N PHE A 216 -6.58 -16.54 9.48
CA PHE A 216 -7.45 -16.73 10.63
C PHE A 216 -8.42 -17.91 10.37
N PHE A 217 -8.83 -18.07 9.12
CA PHE A 217 -9.64 -19.22 8.78
C PHE A 217 -8.93 -20.56 9.01
N LYS A 218 -7.77 -20.79 8.44
CA LYS A 218 -7.10 -22.05 8.68
C LYS A 218 -6.93 -22.26 10.15
N LEU A 219 -6.58 -21.21 10.84
CA LEU A 219 -6.32 -21.28 12.25
C LEU A 219 -7.53 -21.59 13.06
N ILE A 220 -8.50 -20.71 13.02
CA ILE A 220 -9.63 -20.88 13.89
C ILE A 220 -10.38 -22.10 13.47
N GLY A 221 -10.38 -22.39 12.19
CA GLY A 221 -11.17 -23.49 11.73
C GLY A 221 -10.54 -24.70 12.32
N ASP A 222 -9.24 -24.77 12.32
CA ASP A 222 -8.72 -25.88 13.02
C ASP A 222 -9.46 -26.95 12.29
N THR A 223 -10.15 -27.87 12.94
CA THR A 223 -10.74 -28.87 12.11
C THR A 223 -9.39 -29.24 11.57
N PRO A 224 -9.18 -29.27 10.28
CA PRO A 224 -7.86 -29.67 9.79
C PRO A 224 -6.94 -28.48 9.82
N ILE A 225 -6.44 -28.18 11.00
CA ILE A 225 -5.69 -26.97 11.24
C ILE A 225 -4.20 -27.03 11.19
N ASP A 226 -3.59 -28.01 11.81
CA ASP A 226 -2.14 -28.03 11.72
C ASP A 226 -1.72 -28.91 10.55
N THR A 227 -1.91 -28.41 9.35
CA THR A 227 -1.52 -29.17 8.18
C THR A 227 -0.31 -28.52 7.54
N PHE A 228 0.42 -27.83 8.41
CA PHE A 228 1.72 -27.24 8.13
C PHE A 228 2.74 -28.34 7.93
N LEU A 229 2.50 -29.47 8.57
CA LEU A 229 3.31 -30.60 8.29
C LEU A 229 3.00 -30.72 6.83
N MET A 230 3.83 -31.40 6.08
CA MET A 230 3.63 -31.49 4.65
C MET A 230 4.10 -30.13 4.21
N GLU A 231 5.23 -29.73 4.78
CA GLU A 231 6.12 -28.72 4.30
C GLU A 231 7.46 -29.42 4.42
N MET A 232 7.68 -30.42 3.58
CA MET A 232 8.90 -31.22 3.62
C MET A 232 8.74 -32.39 4.59
N LEU A 233 7.57 -32.52 5.17
CA LEU A 233 7.32 -33.57 6.13
C LEU A 233 7.31 -34.94 5.49
N ASN B 5 0.88 25.49 -9.29
CA ASN B 5 0.04 26.47 -8.52
C ASN B 5 -0.17 26.05 -7.08
N GLU B 6 -0.17 27.06 -6.20
CA GLU B 6 -0.30 26.84 -4.77
C GLU B 6 -1.63 27.36 -4.26
N ASP B 7 -2.70 26.70 -4.70
CA ASP B 7 -4.01 26.67 -4.04
C ASP B 7 -3.86 25.78 -2.80
N MET B 8 -2.70 25.12 -2.75
CA MET B 8 -2.16 24.35 -1.63
C MET B 8 -0.64 24.42 -1.73
N PRO B 9 -0.03 25.22 -0.88
CA PRO B 9 1.40 25.58 -0.91
C PRO B 9 2.41 24.56 -0.50
N VAL B 10 3.68 24.76 -0.82
CA VAL B 10 4.71 23.81 -0.46
C VAL B 10 5.72 24.17 0.61
N GLU B 11 6.43 25.27 0.48
CA GLU B 11 7.50 25.61 1.45
C GLU B 11 6.93 25.76 2.86
N ARG B 12 5.62 26.04 2.93
CA ARG B 12 4.92 26.02 4.19
C ARG B 12 4.91 24.61 4.82
N ILE B 13 4.43 23.60 4.07
CA ILE B 13 4.56 22.16 4.42
C ILE B 13 5.98 21.77 4.85
N LEU B 14 6.96 22.43 4.25
CA LEU B 14 8.33 22.26 4.73
C LEU B 14 8.35 22.84 6.13
N GLU B 15 8.01 24.14 6.26
CA GLU B 15 7.92 24.82 7.57
C GLU B 15 7.22 23.95 8.61
N ALA B 16 6.04 23.43 8.25
CA ALA B 16 5.31 22.43 9.03
C ALA B 16 6.17 21.28 9.54
N GLU B 17 6.91 20.61 8.65
CA GLU B 17 7.78 19.53 9.08
C GLU B 17 8.83 20.07 10.03
N LEU B 18 9.24 21.30 9.80
CA LEU B 18 10.34 21.92 10.54
C LEU B 18 9.91 22.28 11.97
N ALA B 19 8.68 22.79 12.08
CA ALA B 19 8.05 23.09 13.37
C ALA B 19 8.16 21.91 14.31
N VAL B 20 7.64 20.77 13.87
CA VAL B 20 7.47 19.57 14.70
C VAL B 20 8.75 18.77 14.90
N GLU B 21 9.81 19.13 14.19
CA GLU B 21 11.05 18.38 14.27
C GLU B 21 11.67 18.54 15.64
N PRO B 22 12.21 17.45 16.18
CA PRO B 22 12.96 17.57 17.42
C PRO B 22 14.17 18.47 17.26
N LYS B 23 14.22 19.55 18.03
CA LYS B 23 15.47 20.30 18.22
C LYS B 23 16.24 19.72 19.42
N ASP B 41 15.05 -1.56 25.80
CA ASP B 41 14.13 -2.47 25.10
C ASP B 41 13.31 -1.71 24.05
N PRO B 42 13.60 -1.99 22.76
CA PRO B 42 13.11 -1.28 21.56
C PRO B 42 11.57 -1.08 21.40
N VAL B 43 10.76 -2.08 21.75
CA VAL B 43 9.29 -1.99 21.63
C VAL B 43 8.76 -0.88 22.53
N THR B 44 9.00 -1.03 23.83
CA THR B 44 8.51 -0.11 24.85
C THR B 44 8.70 1.36 24.49
N ASN B 45 9.78 1.70 23.79
CA ASN B 45 10.12 3.10 23.50
C ASN B 45 9.11 3.80 22.63
N ILE B 46 8.51 3.05 21.73
CA ILE B 46 7.37 3.52 20.93
C ILE B 46 6.08 3.55 21.78
N CYS B 47 6.02 2.69 22.80
CA CYS B 47 4.94 2.70 23.79
C CYS B 47 5.29 3.50 25.04
N GLN B 48 6.27 4.36 24.81
CA GLN B 48 6.75 5.39 25.68
C GLN B 48 6.72 6.42 24.57
N ALA B 49 6.40 7.67 24.87
CA ALA B 49 6.38 8.63 23.82
C ALA B 49 5.05 8.70 23.15
N ALA B 50 4.10 7.92 23.61
CA ALA B 50 2.82 7.94 22.95
C ALA B 50 2.30 9.32 23.09
N ASP B 51 2.73 9.97 24.15
CA ASP B 51 2.23 11.31 24.48
C ASP B 51 2.85 12.33 23.53
N LYS B 52 4.17 12.23 23.38
CA LYS B 52 4.94 13.05 22.46
C LYS B 52 4.43 12.87 21.02
N GLN B 53 4.41 11.64 20.52
CA GLN B 53 3.95 11.47 19.14
C GLN B 53 2.64 12.22 18.96
N LEU B 54 1.72 12.01 19.90
CA LEU B 54 0.47 12.77 19.96
C LEU B 54 0.70 14.27 19.84
N PHE B 55 1.65 14.80 20.61
CA PHE B 55 2.08 16.21 20.52
C PHE B 55 2.46 16.50 19.08
N THR B 56 3.60 15.98 18.65
CA THR B 56 4.08 16.12 17.28
C THR B 56 2.96 16.08 16.23
N LEU B 57 2.12 15.07 16.33
CA LEU B 57 1.22 14.78 15.24
C LEU B 57 0.05 15.73 15.16
N VAL B 58 -0.44 16.17 16.31
CA VAL B 58 -1.65 16.97 16.32
C VAL B 58 -1.37 18.37 15.81
N GLU B 59 -0.24 18.94 16.23
CA GLU B 59 0.10 20.27 15.79
C GLU B 59 0.31 20.31 14.28
N TRP B 60 1.09 19.37 13.78
CA TRP B 60 1.48 19.32 12.39
C TRP B 60 0.24 19.39 11.55
N ALA B 61 -0.82 18.71 11.91
CA ALA B 61 -2.00 18.78 11.08
C ALA B 61 -2.64 20.17 10.94
N LYS B 62 -2.68 20.96 12.00
CA LYS B 62 -3.32 22.29 11.91
C LYS B 62 -2.47 23.26 11.10
N ARG B 63 -1.19 22.94 10.97
CA ARG B 63 -0.25 23.74 10.20
C ARG B 63 -0.28 23.36 8.73
N ILE B 64 -1.17 22.45 8.35
CA ILE B 64 -1.30 22.10 6.95
C ILE B 64 -2.39 22.91 6.32
N PRO B 65 -2.03 23.66 5.32
CA PRO B 65 -3.00 24.50 4.69
C PRO B 65 -4.26 23.76 4.40
N HIS B 66 -5.34 24.35 4.84
CA HIS B 66 -6.64 23.83 4.55
C HIS B 66 -7.01 22.74 5.50
N PHE B 67 -6.08 22.39 6.39
CA PHE B 67 -6.29 21.30 7.34
C PHE B 67 -7.28 21.51 8.45
N SER B 68 -7.11 22.60 9.18
CA SER B 68 -8.00 23.02 10.25
C SER B 68 -9.39 23.47 9.79
N GLU B 69 -9.50 23.97 8.58
CA GLU B 69 -10.77 24.45 8.07
C GLU B 69 -11.64 23.24 8.02
N LEU B 70 -11.01 22.08 8.08
CA LEU B 70 -11.75 20.83 8.10
C LEU B 70 -12.62 20.69 9.35
N PRO B 71 -13.82 20.15 9.17
CA PRO B 71 -14.74 19.99 10.28
C PRO B 71 -13.99 19.31 11.36
N LEU B 72 -14.27 19.67 12.59
CA LEU B 72 -13.51 19.20 13.71
C LEU B 72 -13.60 17.73 13.75
N ASP B 73 -14.74 17.19 13.40
CA ASP B 73 -14.89 15.74 13.39
C ASP B 73 -13.98 14.99 12.42
N ASP B 74 -13.73 15.54 11.25
CA ASP B 74 -12.98 14.90 10.22
C ASP B 74 -11.51 15.13 10.50
N GLN B 75 -11.16 16.30 11.03
CA GLN B 75 -9.81 16.45 11.57
C GLN B 75 -9.48 15.14 12.31
N VAL B 76 -10.48 14.50 12.91
CA VAL B 76 -10.21 13.45 13.91
C VAL B 76 -9.95 12.12 13.24
N ILE B 77 -10.97 11.64 12.54
CA ILE B 77 -10.83 10.52 11.67
C ILE B 77 -9.46 10.51 11.01
N LEU B 78 -9.03 11.62 10.44
CA LEU B 78 -7.77 11.64 9.71
C LEU B 78 -6.51 11.44 10.55
N LEU B 79 -6.51 11.98 11.75
CA LEU B 79 -5.36 11.76 12.63
C LEU B 79 -5.32 10.31 13.14
N ARG B 80 -6.50 9.73 13.26
CA ARG B 80 -6.71 8.45 13.89
C ARG B 80 -6.26 7.46 12.84
N ALA B 81 -6.77 7.66 11.64
CA ALA B 81 -6.44 6.83 10.51
C ALA B 81 -4.97 6.94 10.09
N GLY B 82 -4.37 8.12 10.16
CA GLY B 82 -3.05 8.28 9.60
C GLY B 82 -2.00 8.00 10.63
N TRP B 83 -2.39 7.92 11.90
CA TRP B 83 -1.45 7.84 13.03
C TRP B 83 -0.17 7.07 12.71
N ASN B 84 -0.26 5.77 12.48
CA ASN B 84 0.90 4.92 12.26
C ASN B 84 1.83 5.29 11.13
N GLU B 85 1.30 5.32 9.92
CA GLU B 85 2.07 5.74 8.76
C GLU B 85 2.78 7.07 9.03
N LEU B 86 1.98 8.13 9.22
CA LEU B 86 2.55 9.45 9.53
C LEU B 86 3.77 9.36 10.46
N LEU B 87 3.61 8.52 11.45
CA LEU B 87 4.57 8.38 12.46
C LEU B 87 5.73 7.50 11.97
N ILE B 88 5.42 6.55 11.11
CA ILE B 88 6.49 5.71 10.57
C ILE B 88 7.28 6.44 9.50
N ALA B 89 6.56 7.11 8.60
CA ALA B 89 7.20 7.81 7.53
C ALA B 89 8.33 8.63 8.12
N SER B 90 8.02 9.29 9.25
CA SER B 90 8.93 10.21 9.95
C SER B 90 10.20 9.58 10.42
N PHE B 91 10.11 8.48 11.14
CA PHE B 91 11.36 8.00 11.64
C PHE B 91 12.23 7.37 10.55
N SER B 92 11.55 6.91 9.50
CA SER B 92 12.18 6.36 8.31
C SER B 92 13.05 7.47 7.76
N HIS B 93 12.43 8.60 7.44
CA HIS B 93 13.19 9.70 6.86
C HIS B 93 14.30 10.20 7.78
N ARG B 94 14.09 10.13 9.08
CA ARG B 94 15.09 10.56 10.00
C ARG B 94 16.33 9.65 9.94
N SER B 95 16.14 8.34 9.69
CA SER B 95 17.24 7.37 9.77
C SER B 95 18.02 7.25 8.48
N ILE B 96 17.62 8.02 7.47
CA ILE B 96 18.48 8.28 6.31
C ILE B 96 19.87 8.63 6.83
N ALA B 97 19.87 9.34 7.96
CA ALA B 97 21.08 9.84 8.61
C ALA B 97 22.01 8.75 9.09
N VAL B 98 21.50 7.55 9.35
CA VAL B 98 22.39 6.52 9.86
C VAL B 98 22.34 5.20 9.11
N LYS B 99 23.48 4.61 8.99
CA LYS B 99 23.56 3.30 8.48
C LYS B 99 23.05 2.41 9.59
N ASP B 100 22.51 1.27 9.26
CA ASP B 100 22.22 0.31 10.30
C ASP B 100 21.34 0.65 11.48
N GLY B 101 20.22 1.33 11.30
CA GLY B 101 19.36 1.55 12.43
C GLY B 101 18.30 2.56 12.22
N ILE B 102 17.56 2.87 13.27
CA ILE B 102 16.54 3.90 13.18
C ILE B 102 16.69 4.84 14.37
N LEU B 103 16.17 6.06 14.22
CA LEU B 103 16.23 7.07 15.25
C LEU B 103 14.84 7.58 15.58
N LEU B 104 14.40 7.28 16.81
CA LEU B 104 13.07 7.59 17.28
C LEU B 104 13.01 9.02 17.84
N ALA B 105 11.84 9.63 17.82
CA ALA B 105 11.66 11.00 18.35
C ALA B 105 11.96 11.08 19.87
N THR B 106 12.21 9.93 20.46
CA THR B 106 12.46 9.77 21.86
C THR B 106 13.92 10.00 22.05
N GLY B 107 14.58 10.50 21.04
CA GLY B 107 15.99 10.77 21.13
C GLY B 107 16.82 9.55 21.46
N LEU B 108 16.40 8.43 20.91
CA LEU B 108 17.08 7.17 21.16
C LEU B 108 17.27 6.60 19.81
N HIS B 109 18.06 5.55 19.69
CA HIS B 109 18.34 4.99 18.35
C HIS B 109 18.48 3.47 18.27
N VAL B 110 17.53 2.81 17.59
CA VAL B 110 17.53 1.35 17.62
C VAL B 110 18.48 0.70 16.61
N HIS B 111 18.86 -0.54 16.88
CA HIS B 111 19.84 -1.30 16.12
C HIS B 111 19.33 -2.65 15.66
N ARG B 112 19.86 -3.10 14.56
CA ARG B 112 19.43 -4.31 13.90
C ARG B 112 19.60 -5.48 14.82
N ASN B 113 20.69 -5.51 15.56
CA ASN B 113 20.89 -6.65 16.43
C ASN B 113 19.89 -6.74 17.58
N SER B 114 19.68 -5.63 18.24
CA SER B 114 18.66 -5.52 19.30
C SER B 114 17.24 -5.88 18.86
N ALA B 115 16.69 -5.09 17.93
CA ALA B 115 15.37 -5.33 17.37
C ALA B 115 15.19 -6.81 17.05
N HIS B 116 16.11 -7.38 16.28
CA HIS B 116 16.08 -8.82 15.99
C HIS B 116 15.98 -9.64 17.28
N SER B 117 16.94 -9.41 18.17
CA SER B 117 17.02 -10.07 19.47
C SER B 117 15.71 -9.99 20.27
N ALA B 118 14.93 -8.94 20.04
CA ALA B 118 13.67 -8.75 20.73
C ALA B 118 12.46 -9.26 19.96
N GLY B 119 12.70 -9.98 18.83
CA GLY B 119 11.62 -10.46 17.94
C GLY B 119 10.72 -9.40 17.28
N VAL B 120 11.36 -8.49 16.54
CA VAL B 120 10.70 -7.61 15.57
C VAL B 120 11.68 -7.36 14.46
N GLY B 121 12.70 -8.22 14.37
CA GLY B 121 13.65 -8.15 13.28
C GLY B 121 12.91 -8.03 11.96
N ALA B 122 11.82 -8.78 11.82
CA ALA B 122 11.05 -8.78 10.59
C ALA B 122 10.57 -7.39 10.21
N ILE B 123 9.88 -6.73 11.12
CA ILE B 123 9.40 -5.40 10.83
C ILE B 123 10.57 -4.41 10.64
N PHE B 124 11.59 -4.60 11.47
CA PHE B 124 12.79 -3.80 11.41
C PHE B 124 13.48 -3.75 10.05
N ASP B 125 13.77 -4.94 9.55
CA ASP B 125 14.25 -5.15 8.21
C ASP B 125 13.36 -4.58 7.09
N ARG B 126 12.05 -4.76 7.13
CA ARG B 126 11.24 -4.20 6.05
C ARG B 126 11.38 -2.68 6.04
N VAL B 127 11.42 -2.05 7.20
CA VAL B 127 11.66 -0.58 7.24
C VAL B 127 12.99 -0.14 6.55
N LEU B 128 14.08 -0.76 6.91
CA LEU B 128 15.30 -0.43 6.27
C LEU B 128 15.32 -0.85 4.83
N THR B 129 15.00 -2.08 4.54
CA THR B 129 15.00 -2.38 3.13
C THR B 129 13.95 -1.66 2.31
N GLU B 130 12.71 -1.59 2.76
CA GLU B 130 11.69 -0.97 1.95
C GLU B 130 11.43 0.50 2.09
N LEU B 131 11.96 1.12 3.13
CA LEU B 131 11.67 2.55 3.36
C LEU B 131 12.88 3.43 3.54
N VAL B 132 13.82 3.04 4.40
CA VAL B 132 14.99 3.89 4.61
C VAL B 132 15.90 3.86 3.40
N SER B 133 16.38 2.68 3.05
CA SER B 133 17.27 2.55 1.92
C SER B 133 16.70 3.20 0.66
N LYS B 134 15.41 3.08 0.41
CA LYS B 134 14.94 3.68 -0.83
C LYS B 134 14.80 5.20 -0.70
N MET B 135 14.53 5.66 0.51
CA MET B 135 14.48 7.08 0.79
C MET B 135 15.90 7.65 0.66
N ARG B 136 16.88 6.90 1.15
CA ARG B 136 18.27 7.29 0.98
C ARG B 136 18.63 7.31 -0.49
N ASP B 137 18.58 6.13 -1.12
CA ASP B 137 18.79 5.94 -2.56
C ASP B 137 18.24 7.06 -3.45
N MET B 138 17.14 7.67 -3.09
CA MET B 138 16.71 8.78 -3.89
C MET B 138 17.00 10.07 -3.18
N GLN B 139 17.59 9.99 -2.01
CA GLN B 139 17.93 11.20 -1.31
C GLN B 139 16.77 12.15 -1.24
N MET B 140 15.67 11.65 -0.70
CA MET B 140 14.44 12.37 -0.47
C MET B 140 14.65 13.53 0.50
N ASP B 141 13.98 14.67 0.29
CA ASP B 141 14.11 15.82 1.19
C ASP B 141 12.80 16.18 1.91
N LYS B 142 12.88 17.10 2.86
CA LYS B 142 11.77 17.43 3.76
C LYS B 142 10.52 18.04 3.10
N THR B 143 10.68 18.66 1.94
CA THR B 143 9.46 19.09 1.28
C THR B 143 8.79 17.83 0.76
N GLU B 144 9.61 16.91 0.22
CA GLU B 144 9.07 15.66 -0.32
C GLU B 144 8.42 14.87 0.81
N LEU B 145 9.18 14.62 1.86
CA LEU B 145 8.64 13.92 3.02
C LEU B 145 7.30 14.49 3.42
N GLY B 146 7.31 15.72 3.92
CA GLY B 146 6.08 16.39 4.26
C GLY B 146 4.98 16.22 3.25
N CYS B 147 5.31 16.20 1.97
CA CYS B 147 4.24 16.17 0.97
C CYS B 147 3.60 14.81 0.85
N LEU B 148 4.40 13.77 1.02
CA LEU B 148 3.90 12.42 1.08
C LEU B 148 2.99 12.28 2.26
N ARG B 149 3.47 12.70 3.43
CA ARG B 149 2.67 12.74 4.63
C ARG B 149 1.37 13.47 4.36
N ALA B 150 1.45 14.74 3.98
CA ALA B 150 0.22 15.45 3.74
C ALA B 150 -0.74 14.53 2.97
N ILE B 151 -0.23 13.79 1.99
CA ILE B 151 -1.04 12.85 1.22
C ILE B 151 -1.72 11.82 2.12
N VAL B 152 -0.91 11.24 3.00
CA VAL B 152 -1.35 10.19 3.89
C VAL B 152 -2.42 10.73 4.80
N LEU B 153 -2.16 11.91 5.37
CA LEU B 153 -3.15 12.57 6.20
C LEU B 153 -4.48 12.78 5.47
N PHE B 154 -4.47 13.31 4.26
CA PHE B 154 -5.75 13.54 3.59
C PHE B 154 -6.30 12.29 2.92
N ASN B 155 -6.78 11.36 3.70
CA ASN B 155 -7.19 10.11 3.09
C ASN B 155 -8.72 9.93 2.90
N PRO B 156 -9.19 10.00 1.65
CA PRO B 156 -10.62 9.90 1.43
C PRO B 156 -11.21 8.57 1.83
N ASP B 157 -10.42 7.50 1.71
CA ASP B 157 -10.93 6.15 2.02
C ASP B 157 -11.15 5.96 3.51
N SER B 158 -10.69 6.91 4.32
CA SER B 158 -10.95 6.90 5.75
C SER B 158 -12.40 6.68 6.03
N LYS B 159 -12.64 5.85 7.05
CA LYS B 159 -13.97 5.44 7.48
C LYS B 159 -14.68 6.62 8.14
N GLY B 160 -15.96 6.77 7.81
CA GLY B 160 -16.85 7.73 8.46
C GLY B 160 -16.49 9.20 8.34
N LEU B 161 -15.99 9.58 7.18
CA LEU B 161 -15.72 11.00 6.96
C LEU B 161 -17.06 11.69 6.73
N SER B 162 -17.32 12.75 7.53
CA SER B 162 -18.60 13.49 7.40
C SER B 162 -18.68 14.08 6.00
N ASN B 163 -17.66 14.84 5.60
CA ASN B 163 -17.43 15.10 4.18
C ASN B 163 -16.09 14.56 3.65
N PRO B 164 -16.13 13.36 3.01
CA PRO B 164 -15.01 12.72 2.32
C PRO B 164 -14.72 13.28 0.90
N ALA B 165 -15.75 13.34 0.06
CA ALA B 165 -15.63 13.76 -1.34
C ALA B 165 -14.99 15.12 -1.49
N GLU B 166 -14.76 15.80 -0.37
CA GLU B 166 -13.89 16.96 -0.36
C GLU B 166 -12.45 16.56 -0.08
N VAL B 167 -12.25 15.69 0.92
CA VAL B 167 -10.90 15.33 1.40
C VAL B 167 -9.99 14.93 0.27
N GLU B 168 -10.57 14.27 -0.73
CA GLU B 168 -9.90 13.94 -1.99
C GLU B 168 -9.27 15.15 -2.64
N ALA B 169 -9.96 16.28 -2.57
CA ALA B 169 -9.49 17.54 -3.13
C ALA B 169 -8.25 18.05 -2.43
N LEU B 170 -8.21 18.01 -1.10
CA LEU B 170 -7.00 18.48 -0.43
C LEU B 170 -5.80 17.65 -0.84
N ARG B 171 -6.07 16.40 -1.19
CA ARG B 171 -5.07 15.47 -1.66
C ARG B 171 -4.70 15.81 -3.08
N GLU B 172 -5.72 15.84 -3.95
CA GLU B 172 -5.63 16.30 -5.33
C GLU B 172 -4.77 17.53 -5.37
N LYS B 173 -5.04 18.44 -4.43
CA LYS B 173 -4.36 19.71 -4.33
C LYS B 173 -2.93 19.57 -3.86
N VAL B 174 -2.63 18.60 -3.01
CA VAL B 174 -1.23 18.50 -2.53
C VAL B 174 -0.32 17.87 -3.57
N TYR B 175 -0.68 16.66 -4.02
CA TYR B 175 0.18 15.98 -4.99
C TYR B 175 0.51 16.89 -6.18
N ALA B 176 -0.52 17.57 -6.73
CA ALA B 176 -0.30 18.60 -7.75
C ALA B 176 0.87 19.51 -7.36
N SER B 177 0.71 20.26 -6.29
CA SER B 177 1.79 21.14 -5.86
C SER B 177 3.10 20.38 -5.78
N LEU B 178 3.00 19.10 -5.43
CA LEU B 178 4.20 18.30 -5.27
C LEU B 178 4.78 17.93 -6.63
N GLU B 179 3.96 17.91 -7.66
CA GLU B 179 4.52 17.64 -8.97
C GLU B 179 5.53 18.73 -9.29
N ALA B 180 5.10 19.98 -9.11
CA ALA B 180 5.95 21.14 -9.34
C ALA B 180 7.28 21.10 -8.58
N TYR B 181 7.23 21.07 -7.27
CA TYR B 181 8.48 21.20 -6.52
C TYR B 181 9.55 20.34 -7.20
N CYS B 182 9.16 19.12 -7.54
CA CYS B 182 10.03 18.13 -8.19
C CYS B 182 10.42 18.54 -9.59
N LYS B 183 9.40 18.92 -10.37
CA LYS B 183 9.58 19.40 -11.72
C LYS B 183 10.62 20.53 -11.85
N HIS B 184 10.59 21.54 -10.98
CA HIS B 184 11.70 22.49 -10.95
C HIS B 184 12.97 21.96 -10.30
N LYS B 185 12.93 21.64 -9.01
CA LYS B 185 14.17 21.30 -8.31
C LYS B 185 14.94 20.16 -9.01
N TYR B 186 14.22 19.39 -9.83
CA TYR B 186 14.74 18.15 -10.35
C TYR B 186 14.19 17.77 -11.75
N PRO B 187 14.51 18.51 -12.80
CA PRO B 187 13.97 18.19 -14.12
C PRO B 187 14.74 17.12 -14.91
N GLU B 188 15.92 16.74 -14.47
CA GLU B 188 16.63 15.63 -15.08
C GLU B 188 15.84 14.35 -14.87
N GLN B 189 15.24 14.23 -13.70
CA GLN B 189 14.41 13.09 -13.36
C GLN B 189 12.95 13.50 -13.52
N PRO B 190 12.31 13.07 -14.60
CA PRO B 190 10.95 13.49 -14.92
C PRO B 190 9.90 12.52 -14.38
N GLY B 191 10.32 11.53 -13.62
CA GLY B 191 9.38 10.62 -12.95
C GLY B 191 9.75 10.42 -11.50
N ARG B 192 10.72 11.18 -11.01
CA ARG B 192 10.94 11.31 -9.59
C ARG B 192 9.60 11.46 -8.81
N PHE B 193 8.72 12.32 -9.28
CA PHE B 193 7.39 12.40 -8.70
C PHE B 193 6.75 11.00 -8.47
N ALA B 194 6.69 10.19 -9.52
CA ALA B 194 5.98 8.93 -9.40
C ALA B 194 6.78 8.01 -8.52
N LYS B 195 8.09 8.18 -8.57
CA LYS B 195 8.94 7.34 -7.81
C LYS B 195 8.50 7.61 -6.39
N LEU B 196 8.15 8.86 -6.11
CA LEU B 196 7.78 9.28 -4.76
C LEU B 196 6.52 8.60 -4.29
N LEU B 197 5.47 8.69 -5.10
CA LEU B 197 4.22 8.04 -4.77
C LEU B 197 4.34 6.53 -4.64
N LEU B 198 5.34 5.92 -5.28
CA LEU B 198 5.35 4.47 -5.22
C LEU B 198 5.97 3.96 -3.95
N ARG B 199 6.30 4.86 -3.03
CA ARG B 199 6.67 4.41 -1.68
C ARG B 199 5.46 4.35 -0.77
N LEU B 200 4.33 4.92 -1.19
CA LEU B 200 3.14 4.84 -0.34
C LEU B 200 2.73 3.34 -0.11
N PRO B 201 2.70 2.52 -1.18
CA PRO B 201 2.26 1.17 -0.84
C PRO B 201 3.18 0.61 0.20
N ALA B 202 4.49 0.78 0.01
CA ALA B 202 5.42 0.27 0.99
C ALA B 202 4.97 0.69 2.38
N LEU B 203 4.63 1.97 2.52
CA LEU B 203 4.30 2.53 3.82
C LEU B 203 3.03 1.96 4.43
N ARG B 204 1.94 1.83 3.65
CA ARG B 204 0.82 1.03 4.13
C ARG B 204 1.33 -0.26 4.68
N SER B 205 1.95 -1.06 3.84
CA SER B 205 2.05 -2.46 4.21
C SER B 205 2.85 -2.57 5.50
N ILE B 206 3.82 -1.68 5.67
CA ILE B 206 4.63 -1.70 6.87
C ILE B 206 3.81 -1.17 8.02
N GLY B 207 2.84 -0.30 7.70
CA GLY B 207 1.91 0.20 8.72
C GLY B 207 1.02 -0.89 9.29
N LEU B 208 0.56 -1.81 8.46
CA LEU B 208 -0.23 -2.92 8.94
C LEU B 208 0.57 -4.06 9.59
N LYS B 209 1.72 -4.37 9.01
CA LYS B 209 2.65 -5.29 9.64
C LYS B 209 2.91 -4.90 11.08
N CYS B 210 3.28 -3.63 11.31
CA CYS B 210 3.46 -3.12 12.68
C CYS B 210 2.25 -3.40 13.55
N LEU B 211 1.08 -3.09 12.99
CA LEU B 211 -0.16 -3.28 13.71
C LEU B 211 -0.35 -4.76 14.06
N GLU B 212 0.03 -5.63 13.12
CA GLU B 212 -0.09 -7.03 13.37
C GLU B 212 0.75 -7.50 14.55
N HIS B 213 2.01 -7.08 14.60
CA HIS B 213 2.89 -7.37 15.71
C HIS B 213 2.30 -6.94 17.05
N LEU B 214 1.84 -5.70 17.08
CA LEU B 214 1.23 -5.13 18.25
C LEU B 214 0.06 -6.02 18.72
N PHE B 215 -0.79 -6.47 17.80
CA PHE B 215 -1.88 -7.31 18.21
C PHE B 215 -1.33 -8.64 18.70
N PHE B 216 -0.36 -9.18 17.98
CA PHE B 216 0.26 -10.43 18.42
C PHE B 216 0.82 -10.36 19.85
N PHE B 217 1.63 -9.35 20.15
CA PHE B 217 2.32 -9.29 21.44
C PHE B 217 1.32 -9.24 22.55
N LYS B 218 0.24 -8.52 22.32
CA LYS B 218 -0.83 -8.45 23.27
C LYS B 218 -1.33 -9.86 23.47
N LEU B 219 -1.59 -10.56 22.39
CA LEU B 219 -2.21 -11.87 22.41
C LEU B 219 -1.50 -13.00 23.11
N ILE B 220 -0.19 -13.05 23.01
CA ILE B 220 0.62 -14.08 23.64
C ILE B 220 0.98 -13.41 24.91
N GLY B 221 0.26 -12.36 25.15
CA GLY B 221 0.49 -11.51 26.28
C GLY B 221 0.10 -12.19 27.54
N ASP B 222 0.43 -11.55 28.63
CA ASP B 222 0.27 -12.08 29.94
C ASP B 222 -1.20 -12.26 30.14
N THR B 223 -1.57 -12.85 31.25
CA THR B 223 -2.95 -13.17 31.42
C THR B 223 -3.54 -11.83 31.17
N PRO B 224 -2.75 -10.77 31.33
CA PRO B 224 -3.36 -9.48 31.12
C PRO B 224 -3.46 -9.38 29.64
N ILE B 225 -4.18 -10.36 29.08
CA ILE B 225 -4.46 -10.38 27.66
C ILE B 225 -5.88 -9.97 27.38
N ASP B 226 -6.86 -10.45 28.13
CA ASP B 226 -8.17 -9.89 27.83
C ASP B 226 -8.59 -8.73 28.67
N THR B 227 -8.00 -7.57 28.49
CA THR B 227 -8.37 -6.41 29.27
C THR B 227 -9.16 -5.47 28.45
N PHE B 228 -9.73 -6.00 27.37
CA PHE B 228 -10.54 -5.26 26.43
C PHE B 228 -11.76 -4.81 27.16
N LEU B 229 -12.01 -5.48 28.26
CA LEU B 229 -13.22 -5.35 29.01
C LEU B 229 -13.15 -3.94 29.45
N MET B 230 -12.01 -3.34 29.26
CA MET B 230 -11.88 -1.94 29.53
C MET B 230 -12.81 -1.06 28.65
N GLU B 231 -13.31 -1.53 27.50
CA GLU B 231 -14.26 -0.70 26.72
C GLU B 231 -15.44 -0.32 27.58
N MET B 232 -16.08 -1.27 28.26
CA MET B 232 -16.90 -0.97 29.46
C MET B 232 -18.03 0.07 29.32
N LEU B 233 -19.03 -0.19 28.46
CA LEU B 233 -20.18 0.72 28.26
C LEU B 233 -21.35 0.00 27.56
N THR C 1 12.12 -20.36 -2.04
CA THR C 1 12.68 -21.30 -1.03
C THR C 1 12.59 -22.78 -1.51
N ASN C 2 12.74 -22.98 -2.83
CA ASN C 2 12.67 -24.30 -3.49
C ASN C 2 11.55 -25.22 -2.98
N MET C 3 10.36 -24.66 -3.15
CA MET C 3 9.15 -25.08 -2.47
C MET C 3 7.99 -25.86 -3.06
N GLY C 4 8.11 -26.47 -4.21
CA GLY C 4 7.00 -27.28 -4.68
C GLY C 4 5.90 -26.42 -5.23
N LEU C 5 6.14 -25.12 -5.27
CA LEU C 5 5.25 -24.20 -5.89
C LEU C 5 6.18 -23.56 -6.86
N GLU C 6 7.27 -23.06 -6.32
CA GLU C 6 8.35 -22.55 -7.15
C GLU C 6 8.46 -23.40 -8.42
N ALA C 7 8.43 -24.72 -8.24
CA ALA C 7 8.47 -25.66 -9.34
C ALA C 7 7.28 -25.52 -10.27
N ILE C 8 6.07 -25.50 -9.72
CA ILE C 8 4.88 -25.53 -10.58
C ILE C 8 4.68 -24.22 -11.33
N ILE C 9 5.18 -23.13 -10.78
CA ILE C 9 5.23 -21.87 -11.50
C ILE C 9 6.32 -21.93 -12.52
N ARG C 10 7.45 -22.53 -12.16
CA ARG C 10 8.62 -22.68 -13.05
C ARG C 10 8.21 -23.32 -14.40
N LYS C 11 7.51 -24.43 -14.31
CA LYS C 11 7.07 -25.11 -15.49
C LYS C 11 6.01 -24.26 -16.20
N ALA C 12 5.11 -23.68 -15.40
CA ALA C 12 4.00 -22.89 -15.90
C ALA C 12 4.48 -21.83 -16.84
N LEU C 13 5.68 -21.40 -16.73
CA LEU C 13 6.08 -20.56 -17.80
C LEU C 13 6.33 -21.75 -18.66
N MET C 14 5.72 -21.77 -19.84
CA MET C 14 5.82 -22.88 -20.81
C MET C 14 4.90 -24.09 -20.80
N GLY C 15 3.94 -24.26 -19.94
CA GLY C 15 3.16 -25.49 -19.98
C GLY C 15 2.94 -26.30 -18.71
N LYS C 16 1.67 -26.60 -18.56
CA LYS C 16 0.89 -26.94 -17.40
C LYS C 16 0.65 -28.45 -17.28
N GLY D 4 -12.98 6.12 24.59
CA GLY D 4 -13.06 7.38 23.81
C GLY D 4 -11.69 8.00 23.67
N LEU D 5 -11.06 7.78 22.51
CA LEU D 5 -9.78 8.40 22.23
C LEU D 5 -10.00 9.81 21.69
N GLU D 6 -11.08 9.97 20.92
CA GLU D 6 -11.45 11.24 20.29
C GLU D 6 -11.15 12.38 21.22
N ALA D 7 -11.78 12.32 22.39
CA ALA D 7 -11.62 13.36 23.37
C ALA D 7 -10.17 13.86 23.41
N ILE D 8 -9.19 12.97 23.62
CA ILE D 8 -7.79 13.36 23.79
C ILE D 8 -7.25 14.18 22.62
N ILE D 9 -7.54 13.72 21.41
CA ILE D 9 -7.14 14.43 20.19
C ILE D 9 -7.79 15.82 20.15
N ARG D 10 -9.13 15.88 20.18
CA ARG D 10 -9.87 17.13 20.25
C ARG D 10 -9.24 18.12 21.23
N LYS D 11 -8.93 17.64 22.43
CA LYS D 11 -8.33 18.49 23.46
C LYS D 11 -6.95 19.05 23.06
N ALA D 12 -6.29 18.37 22.15
CA ALA D 12 -5.04 18.86 21.54
C ALA D 12 -5.34 19.71 20.29
N LEU D 13 -6.39 19.33 19.58
CA LEU D 13 -6.82 20.08 18.41
C LEU D 13 -7.33 21.44 18.80
N MET D 14 -7.09 21.80 20.07
CA MET D 14 -7.42 23.10 20.66
C MET D 14 -6.87 23.17 22.07
#